data_6NOW
#
_entry.id   6NOW
#
_cell.length_a   104.420
_cell.length_b   104.420
_cell.length_c   164.270
_cell.angle_alpha   90.000
_cell.angle_beta   90.000
_cell.angle_gamma   90.000
#
_symmetry.space_group_name_H-M   'I 41'
#
_entity_poly.entity_id   1
_entity_poly.type   'polypeptide(L)'
_entity_poly.pdbx_seq_one_letter_code
;GEQAQQARELGQSLAQEVKAATERLSLGSRDVAERLRLSKDIGRLIEAVETSVMPQWQRRELLATVKMLQRRANTAIRKL
QMGQAAKKTQELLERHSKGPLIVDTVSAESLSVLVKVVRQLCEQAPSTSVLLLSPQPMGKVLCACQVAQGAMPTFTAEAW
ALAVCSHMGGKAWGSRVVAQGTGSTTDLEAALSIAQTYALSQLL
;
_entity_poly.pdbx_strand_id   A,B
#
# COMPACT_ATOMS: atom_id res chain seq x y z
N ALA A 4 42.72 -11.74 -9.14
CA ALA A 4 42.62 -12.39 -10.44
C ALA A 4 42.15 -13.84 -10.29
N GLN A 5 43.08 -14.72 -9.96
CA GLN A 5 42.76 -16.14 -9.79
C GLN A 5 41.78 -16.30 -8.64
N GLN A 6 41.99 -15.54 -7.57
CA GLN A 6 41.11 -15.60 -6.42
C GLN A 6 39.71 -15.18 -6.83
N ALA A 7 39.63 -14.13 -7.64
CA ALA A 7 38.35 -13.64 -8.12
C ALA A 7 37.65 -14.70 -8.96
N ARG A 8 38.40 -15.38 -9.80
CA ARG A 8 37.83 -16.41 -10.64
C ARG A 8 37.28 -17.53 -9.77
N GLU A 9 38.03 -17.88 -8.73
CA GLU A 9 37.61 -18.93 -7.81
C GLU A 9 36.32 -18.54 -7.10
N LEU A 10 36.25 -17.28 -6.68
CA LEU A 10 35.07 -16.79 -5.99
C LEU A 10 33.88 -16.86 -6.93
N GLY A 11 34.10 -16.53 -8.19
CA GLY A 11 33.05 -16.57 -9.18
C GLY A 11 32.55 -17.98 -9.38
N GLN A 12 33.48 -18.92 -9.40
CA GLN A 12 33.13 -20.33 -9.57
C GLN A 12 32.28 -20.78 -8.38
N SER A 13 32.67 -20.33 -7.20
CA SER A 13 31.94 -20.67 -5.98
C SER A 13 30.53 -20.12 -6.06
N LEU A 14 30.42 -18.90 -6.58
CA LEU A 14 29.14 -18.22 -6.72
C LEU A 14 28.26 -19.02 -7.67
N ALA A 15 28.86 -19.50 -8.75
CA ALA A 15 28.13 -20.28 -9.73
C ALA A 15 27.62 -21.56 -9.11
N GLN A 16 28.47 -22.20 -8.31
CA GLN A 16 28.12 -23.42 -7.63
C GLN A 16 26.99 -23.08 -6.69
N GLU A 17 27.13 -21.94 -6.03
CA GLU A 17 26.12 -21.46 -5.11
C GLU A 17 24.88 -21.19 -5.91
N VAL A 18 25.09 -20.65 -7.11
CA VAL A 18 23.98 -20.33 -7.99
C VAL A 18 23.25 -21.61 -8.38
N LYS A 19 24.02 -22.66 -8.65
CA LYS A 19 23.43 -23.93 -9.02
C LYS A 19 22.61 -24.48 -7.86
N ALA A 20 23.14 -24.35 -6.66
CA ALA A 20 22.44 -24.84 -5.48
C ALA A 20 21.14 -24.09 -5.33
N ALA A 21 21.19 -22.78 -5.55
CA ALA A 21 20.01 -21.95 -5.43
C ALA A 21 18.96 -22.36 -6.45
N THR A 22 19.41 -22.64 -7.67
CA THR A 22 18.49 -23.05 -8.73
C THR A 22 17.85 -24.38 -8.38
N GLU A 23 18.64 -25.28 -7.81
CA GLU A 23 18.15 -26.58 -7.42
C GLU A 23 17.08 -26.41 -6.35
N ARG A 24 17.35 -25.50 -5.42
CA ARG A 24 16.43 -25.21 -4.34
C ARG A 24 15.13 -24.68 -4.89
N LEU A 25 15.25 -23.82 -5.90
CA LEU A 25 14.09 -23.24 -6.55
C LEU A 25 13.26 -24.31 -7.23
N SER A 26 13.93 -25.25 -7.89
CA SER A 26 13.22 -26.32 -8.57
C SER A 26 12.48 -27.10 -7.52
N LEU A 27 13.19 -27.34 -6.43
CA LEU A 27 12.61 -28.05 -5.32
C LEU A 27 11.50 -27.18 -4.81
N GLY A 28 11.80 -25.88 -4.72
CA GLY A 28 10.84 -24.91 -4.24
C GLY A 28 10.77 -25.00 -2.73
N SER A 29 9.97 -24.16 -2.10
CA SER A 29 9.82 -24.21 -0.65
C SER A 29 8.36 -24.03 -0.26
N ARG A 30 7.90 -24.81 0.70
CA ARG A 30 6.51 -24.70 1.13
C ARG A 30 6.20 -23.36 1.80
N ASP A 31 7.12 -22.88 2.62
CA ASP A 31 6.91 -21.63 3.34
C ASP A 31 7.10 -20.41 2.45
N VAL A 32 6.11 -19.54 2.42
CA VAL A 32 6.20 -18.35 1.60
C VAL A 32 7.38 -17.54 2.11
N ALA A 33 7.46 -17.44 3.43
CA ALA A 33 8.56 -16.68 4.03
C ALA A 33 9.91 -17.15 3.50
N GLU A 34 10.11 -18.47 3.39
CA GLU A 34 11.36 -18.96 2.83
C GLU A 34 11.47 -18.63 1.35
N ARG A 35 10.34 -18.57 0.65
CA ARG A 35 10.39 -18.13 -0.73
C ARG A 35 10.84 -16.68 -0.85
N LEU A 36 10.32 -15.81 0.01
CA LEU A 36 10.74 -14.40 0.00
C LEU A 36 12.21 -14.30 0.35
N ARG A 37 12.64 -15.05 1.37
CA ARG A 37 14.05 -15.07 1.72
C ARG A 37 14.90 -15.48 0.53
N LEU A 38 14.47 -16.50 -0.22
CA LEU A 38 15.24 -16.92 -1.39
C LEU A 38 15.31 -15.81 -2.43
N SER A 39 14.20 -15.11 -2.67
CA SER A 39 14.24 -14.02 -3.63
C SER A 39 15.21 -12.93 -3.20
N LYS A 40 15.21 -12.60 -1.89
CA LYS A 40 16.17 -11.62 -1.38
C LYS A 40 17.61 -12.09 -1.57
N ASP A 41 17.87 -13.37 -1.31
CA ASP A 41 19.20 -13.92 -1.58
C ASP A 41 19.56 -13.77 -3.05
N ILE A 42 18.57 -13.93 -3.94
CA ILE A 42 18.83 -13.73 -5.36
C ILE A 42 19.24 -12.28 -5.62
N GLY A 43 18.47 -11.32 -5.10
CA GLY A 43 18.79 -9.92 -5.34
C GLY A 43 20.17 -9.53 -4.83
N ARG A 44 20.47 -9.93 -3.60
CA ARG A 44 21.79 -9.63 -3.04
C ARG A 44 22.90 -10.30 -3.83
N LEU A 45 22.68 -11.55 -4.25
CA LEU A 45 23.71 -12.26 -5.00
C LEU A 45 23.96 -11.62 -6.36
N ILE A 46 22.89 -11.23 -7.06
CA ILE A 46 23.07 -10.55 -8.34
C ILE A 46 23.83 -9.25 -8.14
N GLU A 47 23.48 -8.50 -7.08
CA GLU A 47 24.19 -7.26 -6.81
C GLU A 47 25.68 -7.52 -6.59
N ALA A 48 26.02 -8.58 -5.86
CA ALA A 48 27.43 -8.90 -5.64
C ALA A 48 28.13 -9.26 -6.94
N VAL A 49 27.46 -10.04 -7.81
CA VAL A 49 28.05 -10.41 -9.09
C VAL A 49 28.26 -9.19 -9.97
N GLU A 50 27.35 -8.22 -9.89
CA GLU A 50 27.45 -7.00 -10.69
C GLU A 50 28.78 -6.28 -10.47
N THR A 51 29.21 -6.20 -9.21
CA THR A 51 30.44 -5.49 -8.87
C THR A 51 31.60 -6.44 -8.61
N SER A 52 31.37 -7.74 -8.72
CA SER A 52 32.44 -8.71 -8.53
C SER A 52 33.46 -8.62 -9.67
N VAL A 53 34.61 -9.22 -9.43
CA VAL A 53 35.70 -9.26 -10.41
C VAL A 53 35.81 -10.69 -10.94
N MET A 54 35.70 -10.83 -12.27
CA MET A 54 35.72 -12.12 -12.97
C MET A 54 35.69 -11.88 -14.47
N PRO A 55 35.93 -12.90 -15.30
CA PRO A 55 35.81 -12.70 -16.75
C PRO A 55 34.39 -12.32 -17.16
N GLN A 56 34.32 -11.48 -18.19
CA GLN A 56 33.04 -10.87 -18.56
C GLN A 56 32.03 -11.91 -19.03
N TRP A 57 32.45 -12.82 -19.91
CA TRP A 57 31.56 -13.83 -20.47
C TRP A 57 30.87 -14.64 -19.36
N GLN A 58 31.66 -15.14 -18.41
CA GLN A 58 31.08 -15.97 -17.37
C GLN A 58 30.19 -15.13 -16.47
N ARG A 59 30.64 -13.91 -16.16
CA ARG A 59 29.85 -13.02 -15.32
C ARG A 59 28.46 -12.80 -15.90
N ARG A 60 28.38 -12.55 -17.21
CA ARG A 60 27.08 -12.21 -17.76
C ARG A 60 26.24 -13.45 -18.04
N GLU A 61 26.91 -14.58 -18.30
CA GLU A 61 26.20 -15.86 -18.49
C GLU A 61 25.52 -16.24 -17.16
N LEU A 62 26.27 -16.12 -16.07
CA LEU A 62 25.74 -16.34 -14.74
C LEU A 62 24.65 -15.33 -14.41
N LEU A 63 24.83 -14.08 -14.85
CA LEU A 63 23.79 -13.08 -14.65
C LEU A 63 22.48 -13.52 -15.32
N ALA A 64 22.58 -14.10 -16.52
CA ALA A 64 21.40 -14.64 -17.19
C ALA A 64 20.74 -15.71 -16.34
N THR A 65 21.52 -16.69 -15.90
CA THR A 65 20.96 -17.79 -15.11
C THR A 65 20.26 -17.26 -13.86
N VAL A 66 20.91 -16.37 -13.12
CA VAL A 66 20.34 -15.90 -11.86
C VAL A 66 19.14 -15.00 -12.08
N LYS A 67 19.11 -14.22 -13.17
CA LYS A 67 17.91 -13.44 -13.46
C LYS A 67 16.73 -14.35 -13.77
N MET A 68 16.98 -15.43 -14.53
CA MET A 68 15.96 -16.47 -14.66
C MET A 68 15.49 -16.94 -13.29
N LEU A 69 16.44 -17.24 -12.41
CA LEU A 69 16.09 -17.72 -11.09
C LEU A 69 15.19 -16.74 -10.35
N GLN A 70 15.46 -15.44 -10.48
CA GLN A 70 14.63 -14.47 -9.79
C GLN A 70 13.25 -14.37 -10.40
N ARG A 71 13.15 -14.47 -11.73
CA ARG A 71 11.84 -14.43 -12.36
C ARG A 71 10.97 -15.61 -11.94
N ARG A 72 11.55 -16.83 -11.93
CA ARG A 72 10.74 -17.97 -11.52
C ARG A 72 10.50 -17.98 -10.02
N ALA A 73 11.43 -17.43 -9.23
CA ALA A 73 11.20 -17.32 -7.79
C ALA A 73 10.05 -16.36 -7.49
N ASN A 74 10.10 -15.14 -8.02
CA ASN A 74 9.07 -14.15 -7.73
C ASN A 74 7.73 -14.58 -8.32
N THR A 75 7.75 -15.15 -9.53
CA THR A 75 6.52 -15.67 -10.08
C THR A 75 5.94 -16.75 -9.16
N ALA A 76 6.81 -17.62 -8.61
CA ALA A 76 6.35 -18.67 -7.73
C ALA A 76 5.73 -18.10 -6.46
N ILE A 77 6.38 -17.11 -5.84
CA ILE A 77 5.85 -16.55 -4.59
C ILE A 77 4.51 -15.88 -4.87
N ARG A 78 4.38 -15.24 -6.02
CA ARG A 78 3.13 -14.59 -6.37
C ARG A 78 2.03 -15.62 -6.57
N LYS A 79 2.37 -16.75 -7.19
CA LYS A 79 1.39 -17.83 -7.36
C LYS A 79 0.96 -18.41 -6.01
N LEU A 80 1.90 -18.61 -5.08
CA LEU A 80 1.53 -19.19 -3.79
C LEU A 80 0.65 -18.24 -3.00
N GLN A 81 0.96 -16.94 -3.04
CA GLN A 81 0.09 -15.97 -2.39
C GLN A 81 -1.30 -15.99 -3.02
N MET A 82 -1.36 -16.13 -4.35
CA MET A 82 -2.64 -16.27 -5.02
C MET A 82 -3.39 -17.52 -4.55
N GLY A 83 -2.65 -18.58 -4.22
CA GLY A 83 -3.31 -19.81 -3.79
C GLY A 83 -3.92 -19.67 -2.41
N GLN A 84 -3.14 -19.17 -1.44
CA GLN A 84 -3.67 -19.00 -0.10
C GLN A 84 -4.80 -17.97 -0.09
N ALA A 85 -4.62 -16.88 -0.83
CA ALA A 85 -5.66 -15.86 -0.94
C ALA A 85 -6.94 -16.43 -1.56
N ALA A 86 -6.79 -17.31 -2.54
CA ALA A 86 -7.97 -17.92 -3.15
C ALA A 86 -8.68 -18.84 -2.17
N LYS A 87 -7.93 -19.66 -1.44
CA LYS A 87 -8.55 -20.54 -0.45
C LYS A 87 -9.34 -19.75 0.58
N LYS A 88 -8.73 -18.70 1.14
CA LYS A 88 -9.45 -17.91 2.14
C LYS A 88 -10.63 -17.18 1.51
N THR A 89 -10.47 -16.72 0.27
CA THR A 89 -11.58 -16.06 -0.42
C THR A 89 -12.79 -16.99 -0.54
N GLN A 90 -12.56 -18.25 -0.91
CA GLN A 90 -13.66 -19.21 -0.93
C GLN A 90 -14.22 -19.45 0.46
N GLU A 91 -13.34 -19.48 1.46
CA GLU A 91 -13.79 -19.68 2.84
C GLU A 91 -14.76 -18.58 3.28
N LEU A 92 -14.52 -17.33 2.85
CA LEU A 92 -15.48 -16.29 3.18
C LEU A 92 -16.68 -16.31 2.24
N LEU A 93 -16.50 -16.77 1.00
CA LEU A 93 -17.61 -16.82 0.06
C LEU A 93 -18.67 -17.82 0.48
N GLU A 94 -18.27 -18.91 1.14
CA GLU A 94 -19.24 -19.95 1.47
C GLU A 94 -20.30 -19.47 2.46
N ARG A 95 -19.99 -18.49 3.30
CA ARG A 95 -20.86 -18.14 4.41
C ARG A 95 -21.46 -16.74 4.32
N HIS A 96 -21.10 -15.96 3.32
CA HIS A 96 -21.69 -14.64 3.14
C HIS A 96 -22.55 -14.60 1.89
N SER A 97 -23.62 -13.81 1.95
CA SER A 97 -24.42 -13.52 0.78
C SER A 97 -23.82 -12.37 -0.01
N LYS A 98 -24.08 -12.35 -1.31
CA LYS A 98 -23.57 -11.31 -2.21
C LYS A 98 -24.44 -10.05 -2.07
N GLY A 99 -24.37 -9.45 -0.88
CA GLY A 99 -25.09 -8.22 -0.64
C GLY A 99 -24.39 -7.03 -1.25
N PRO A 100 -24.95 -5.84 -1.01
CA PRO A 100 -24.32 -4.63 -1.54
C PRO A 100 -22.99 -4.33 -0.88
N LEU A 101 -22.84 -4.67 0.40
CA LEU A 101 -21.65 -4.34 1.15
C LEU A 101 -21.33 -5.50 2.08
N ILE A 102 -20.05 -5.87 2.13
CA ILE A 102 -19.58 -6.96 2.96
C ILE A 102 -18.42 -6.43 3.78
N VAL A 103 -18.62 -6.28 5.08
CA VAL A 103 -17.61 -5.75 5.97
C VAL A 103 -17.37 -6.81 7.05
N ASP A 104 -16.15 -7.33 7.10
CA ASP A 104 -15.81 -8.37 8.04
C ASP A 104 -14.30 -8.44 8.14
N THR A 105 -13.81 -9.31 9.01
CA THR A 105 -12.39 -9.52 9.23
C THR A 105 -11.99 -10.91 8.76
N VAL A 106 -10.74 -11.02 8.32
CA VAL A 106 -10.17 -12.30 7.88
C VAL A 106 -8.72 -12.36 8.34
N SER A 107 -8.28 -13.55 8.74
CA SER A 107 -6.91 -13.76 9.22
C SER A 107 -5.94 -13.83 8.05
N ALA A 108 -4.94 -12.96 8.04
CA ALA A 108 -3.95 -12.90 6.98
C ALA A 108 -2.55 -12.73 7.57
N GLU A 109 -1.55 -13.23 6.84
CA GLU A 109 -0.16 -13.12 7.27
C GLU A 109 0.53 -11.87 6.75
N SER A 110 0.04 -11.28 5.65
CA SER A 110 0.68 -10.10 5.07
C SER A 110 -0.38 -9.31 4.30
N LEU A 111 -0.10 -8.01 4.12
CA LEU A 111 -1.07 -7.14 3.46
C LEU A 111 -1.26 -7.48 1.99
N SER A 112 -0.21 -7.96 1.32
CA SER A 112 -0.34 -8.34 -0.09
C SER A 112 -1.43 -9.40 -0.26
N VAL A 113 -1.40 -10.42 0.59
CA VAL A 113 -2.39 -11.50 0.50
C VAL A 113 -3.79 -10.94 0.72
N LEU A 114 -3.94 -10.04 1.69
CA LEU A 114 -5.23 -9.41 1.94
C LEU A 114 -5.74 -8.65 0.72
N VAL A 115 -4.85 -7.87 0.10
CA VAL A 115 -5.19 -7.14 -1.11
C VAL A 115 -5.69 -8.11 -2.18
N LYS A 116 -4.96 -9.21 -2.37
CA LYS A 116 -5.37 -10.20 -3.37
C LYS A 116 -6.75 -10.78 -3.05
N VAL A 117 -7.03 -11.00 -1.76
CA VAL A 117 -8.35 -11.48 -1.37
C VAL A 117 -9.42 -10.47 -1.75
N VAL A 118 -9.16 -9.19 -1.48
CA VAL A 118 -10.14 -8.15 -1.81
C VAL A 118 -10.37 -8.10 -3.32
N ARG A 119 -9.29 -8.19 -4.11
CA ARG A 119 -9.44 -8.07 -5.56
C ARG A 119 -10.17 -9.27 -6.15
N GLN A 120 -9.87 -10.47 -5.66
CA GLN A 120 -10.59 -11.65 -6.12
C GLN A 120 -12.07 -11.54 -5.74
N LEU A 121 -12.33 -11.13 -4.50
CA LEU A 121 -13.70 -11.03 -4.03
C LEU A 121 -14.50 -10.04 -4.87
N CYS A 122 -13.94 -8.87 -5.14
CA CYS A 122 -14.62 -7.90 -5.99
C CYS A 122 -14.76 -8.41 -7.41
N GLU A 123 -13.79 -9.20 -7.89
CA GLU A 123 -13.87 -9.72 -9.24
C GLU A 123 -15.01 -10.72 -9.39
N GLN A 124 -15.26 -11.51 -8.35
CA GLN A 124 -16.30 -12.53 -8.42
C GLN A 124 -17.66 -12.01 -7.97
N ALA A 125 -17.71 -10.90 -7.24
CA ALA A 125 -18.96 -10.26 -6.84
C ALA A 125 -18.88 -8.82 -7.33
N PRO A 126 -19.16 -8.59 -8.62
CA PRO A 126 -18.86 -7.26 -9.19
C PRO A 126 -19.69 -6.13 -8.61
N SER A 127 -20.91 -6.39 -8.15
CA SER A 127 -21.80 -5.34 -7.68
C SER A 127 -21.67 -5.10 -6.17
N THR A 128 -20.61 -5.58 -5.55
CA THR A 128 -20.43 -5.46 -4.11
C THR A 128 -19.14 -4.71 -3.80
N SER A 129 -19.21 -3.81 -2.82
CA SER A 129 -18.04 -3.14 -2.29
C SER A 129 -17.54 -3.89 -1.07
N VAL A 130 -16.23 -3.86 -0.85
CA VAL A 130 -15.56 -4.73 0.11
C VAL A 130 -14.64 -3.93 1.00
N LEU A 131 -14.65 -4.25 2.30
CA LEU A 131 -13.57 -3.83 3.19
C LEU A 131 -13.25 -4.98 4.15
N LEU A 132 -11.96 -5.23 4.35
CA LEU A 132 -11.48 -6.27 5.24
C LEU A 132 -10.38 -5.73 6.14
N LEU A 133 -10.37 -6.23 7.37
CA LEU A 133 -9.32 -5.95 8.34
C LEU A 133 -8.63 -7.25 8.70
N SER A 134 -7.34 -7.16 9.01
CA SER A 134 -6.57 -8.33 9.42
C SER A 134 -5.90 -8.09 10.76
N PRO A 135 -6.16 -8.92 11.77
CA PRO A 135 -5.47 -8.74 13.07
C PRO A 135 -4.05 -9.27 12.99
N GLN A 136 -3.11 -8.47 13.48
CA GLN A 136 -1.71 -8.88 13.54
C GLN A 136 -1.28 -9.00 14.99
N PRO A 137 -0.26 -9.79 15.27
CA PRO A 137 0.21 -9.93 16.65
C PRO A 137 0.59 -8.58 17.25
N MET A 138 0.53 -8.50 18.57
CA MET A 138 0.94 -7.34 19.36
C MET A 138 0.06 -6.12 19.12
N GLY A 139 -1.19 -6.33 18.71
CA GLY A 139 -2.16 -5.25 18.62
C GLY A 139 -2.25 -4.55 17.28
N LYS A 140 -1.33 -4.80 16.37
CA LYS A 140 -1.39 -4.15 15.07
C LYS A 140 -2.58 -4.68 14.26
N VAL A 141 -2.99 -3.87 13.29
CA VAL A 141 -4.19 -4.12 12.51
C VAL A 141 -3.96 -3.62 11.09
N LEU A 142 -4.32 -4.42 10.10
CA LEU A 142 -4.22 -4.05 8.70
C LEU A 142 -5.61 -3.85 8.10
N CYS A 143 -5.65 -3.06 7.03
CA CYS A 143 -6.90 -2.70 6.38
C CYS A 143 -6.73 -2.68 4.87
N ALA A 144 -7.71 -3.23 4.15
CA ALA A 144 -7.74 -3.13 2.70
C ALA A 144 -9.18 -3.06 2.23
N CYS A 145 -9.45 -2.19 1.26
CA CYS A 145 -10.83 -2.02 0.79
C CYS A 145 -10.84 -1.66 -0.68
N GLN A 146 -11.95 -2.00 -1.34
CA GLN A 146 -12.18 -1.72 -2.75
C GLN A 146 -13.65 -1.39 -2.96
N VAL A 147 -13.90 -0.38 -3.79
CA VAL A 147 -15.25 0.06 -4.12
C VAL A 147 -15.62 -0.45 -5.51
N ALA A 148 -16.85 -0.93 -5.65
CA ALA A 148 -17.32 -1.45 -6.93
C ALA A 148 -17.35 -0.34 -7.98
N GLN A 149 -17.12 -0.73 -9.24
CA GLN A 149 -17.13 0.25 -10.33
C GLN A 149 -18.55 0.78 -10.56
N GLY A 150 -19.55 -0.08 -10.46
CA GLY A 150 -20.92 0.37 -10.59
C GLY A 150 -21.38 1.28 -9.49
N ALA A 151 -20.68 1.27 -8.35
CA ALA A 151 -21.06 2.10 -7.23
C ALA A 151 -20.96 3.58 -7.58
N MET A 152 -21.65 4.39 -6.78
CA MET A 152 -21.64 5.82 -7.02
C MET A 152 -20.21 6.35 -6.98
N PRO A 153 -19.86 7.31 -7.85
CA PRO A 153 -18.53 7.92 -7.74
C PRO A 153 -18.32 8.67 -6.43
N THR A 154 -19.40 9.16 -5.81
CA THR A 154 -19.30 9.81 -4.51
C THR A 154 -18.67 8.89 -3.46
N PHE A 155 -18.89 7.59 -3.60
CA PHE A 155 -18.25 6.61 -2.73
C PHE A 155 -16.81 6.42 -3.19
N THR A 156 -15.85 6.82 -2.36
CA THR A 156 -14.43 6.67 -2.65
C THR A 156 -13.79 5.81 -1.58
N ALA A 157 -12.94 4.88 -2.02
CA ALA A 157 -12.30 3.97 -1.08
C ALA A 157 -11.27 4.69 -0.21
N GLU A 158 -10.57 5.68 -0.77
CA GLU A 158 -9.49 6.33 -0.04
C GLU A 158 -10.02 7.07 1.18
N ALA A 159 -11.15 7.76 1.04
CA ALA A 159 -11.79 8.38 2.20
C ALA A 159 -12.31 7.33 3.17
N TRP A 160 -12.72 6.17 2.66
CA TRP A 160 -13.28 5.10 3.47
C TRP A 160 -12.24 4.57 4.43
N ALA A 161 -11.18 3.96 3.86
CA ALA A 161 -10.05 3.53 4.69
C ALA A 161 -9.44 4.71 5.44
N LEU A 162 -9.60 5.92 4.92
CA LEU A 162 -9.08 7.10 5.60
C LEU A 162 -9.75 7.28 6.95
N ALA A 163 -11.07 7.22 6.99
CA ALA A 163 -11.77 7.26 8.27
C ALA A 163 -11.45 6.03 9.10
N VAL A 164 -11.37 4.85 8.46
CA VAL A 164 -11.14 3.61 9.18
C VAL A 164 -9.86 3.68 9.99
N CYS A 165 -8.73 3.82 9.31
CA CYS A 165 -7.46 3.90 10.01
C CYS A 165 -7.36 5.20 10.82
N SER A 166 -8.05 6.25 10.38
CA SER A 166 -8.08 7.49 11.14
C SER A 166 -8.60 7.28 12.55
N HIS A 167 -9.58 6.40 12.72
CA HIS A 167 -10.06 6.12 14.08
C HIS A 167 -9.05 5.29 14.85
N MET A 168 -8.29 4.43 14.18
CA MET A 168 -7.30 3.59 14.83
C MET A 168 -5.94 4.27 14.99
N GLY A 169 -5.83 5.54 14.60
CA GLY A 169 -4.56 6.22 14.72
C GLY A 169 -3.49 5.78 13.74
N GLY A 170 -3.87 5.12 12.65
CA GLY A 170 -2.92 4.59 11.69
C GLY A 170 -2.71 5.52 10.51
N LYS A 171 -2.55 4.92 9.33
CA LYS A 171 -2.25 5.61 8.08
C LYS A 171 -2.99 4.92 6.95
N ALA A 172 -3.31 5.67 5.91
CA ALA A 172 -4.08 5.14 4.79
C ALA A 172 -3.58 5.72 3.48
N TRP A 173 -3.65 4.91 2.42
CA TRP A 173 -3.21 5.35 1.11
C TRP A 173 -3.93 4.52 0.04
N GLY A 174 -4.20 5.15 -1.09
CA GLY A 174 -4.82 4.46 -2.20
C GLY A 174 -5.43 5.47 -3.16
N SER A 175 -6.34 4.98 -3.98
CA SER A 175 -7.10 5.79 -4.91
C SER A 175 -8.58 5.70 -4.56
N ARG A 176 -9.41 6.33 -5.40
CA ARG A 176 -10.84 6.31 -5.16
C ARG A 176 -11.41 4.89 -5.22
N VAL A 177 -10.79 4.01 -6.00
CA VAL A 177 -11.29 2.66 -6.16
C VAL A 177 -10.75 1.72 -5.10
N VAL A 178 -9.45 1.78 -4.83
CA VAL A 178 -8.80 0.83 -3.93
C VAL A 178 -7.97 1.60 -2.91
N ALA A 179 -7.90 1.04 -1.71
CA ALA A 179 -7.17 1.70 -0.63
C ALA A 179 -6.72 0.65 0.38
N GLN A 180 -5.69 1.00 1.14
CA GLN A 180 -5.14 0.13 2.17
C GLN A 180 -4.49 0.99 3.23
N GLY A 181 -4.42 0.44 4.44
CA GLY A 181 -3.89 1.20 5.56
C GLY A 181 -3.56 0.32 6.74
N THR A 182 -3.05 0.96 7.79
CA THR A 182 -2.65 0.29 9.02
C THR A 182 -3.16 1.07 10.22
N GLY A 183 -3.37 0.36 11.33
CA GLY A 183 -3.82 0.96 12.56
C GLY A 183 -3.51 0.03 13.71
N SER A 184 -3.93 0.44 14.91
CA SER A 184 -3.78 -0.39 16.10
C SER A 184 -4.88 -0.03 17.08
N THR A 185 -5.78 -0.98 17.34
CA THR A 185 -6.91 -0.75 18.22
C THR A 185 -7.31 -2.07 18.85
N THR A 186 -7.73 -2.01 20.13
CA THR A 186 -8.13 -3.22 20.85
C THR A 186 -9.38 -3.84 20.25
N ASP A 187 -10.43 -3.05 20.08
CA ASP A 187 -11.73 -3.57 19.67
C ASP A 187 -11.86 -3.47 18.15
N LEU A 188 -11.90 -4.63 17.49
CA LEU A 188 -12.03 -4.66 16.04
C LEU A 188 -13.43 -4.29 15.59
N GLU A 189 -14.45 -4.59 16.39
CA GLU A 189 -15.82 -4.27 16.01
C GLU A 189 -16.05 -2.77 15.95
N ALA A 190 -15.24 -1.97 16.63
CA ALA A 190 -15.34 -0.51 16.50
C ALA A 190 -14.94 -0.05 15.12
N ALA A 191 -13.77 -0.51 14.64
CA ALA A 191 -13.34 -0.14 13.29
C ALA A 191 -14.27 -0.73 12.24
N LEU A 192 -14.71 -1.98 12.43
CA LEU A 192 -15.64 -2.58 11.48
C LEU A 192 -16.94 -1.80 11.41
N SER A 193 -17.47 -1.42 12.59
CA SER A 193 -18.73 -0.70 12.64
C SER A 193 -18.58 0.70 12.04
N ILE A 194 -17.45 1.35 12.27
CA ILE A 194 -17.22 2.67 11.67
C ILE A 194 -17.14 2.56 10.17
N ALA A 195 -16.44 1.54 9.65
CA ALA A 195 -16.31 1.36 8.21
C ALA A 195 -17.67 1.12 7.57
N GLN A 196 -18.43 0.16 8.11
CA GLN A 196 -19.71 -0.18 7.50
C GLN A 196 -20.70 0.98 7.63
N THR A 197 -20.66 1.69 8.76
CA THR A 197 -21.51 2.87 8.94
C THR A 197 -21.21 3.94 7.89
N TYR A 198 -19.93 4.29 7.76
CA TYR A 198 -19.55 5.33 6.80
C TYR A 198 -19.91 4.91 5.38
N ALA A 199 -19.47 3.71 4.98
CA ALA A 199 -19.73 3.24 3.63
C ALA A 199 -21.22 3.24 3.32
N LEU A 200 -22.04 2.75 4.25
CA LEU A 200 -23.49 2.79 4.04
C LEU A 200 -23.98 4.22 3.91
N SER A 201 -23.47 5.11 4.75
CA SER A 201 -23.86 6.52 4.67
C SER A 201 -23.57 7.12 3.30
N GLN A 202 -22.48 6.69 2.64
CA GLN A 202 -22.24 7.16 1.29
C GLN A 202 -23.11 6.47 0.24
N LEU A 203 -23.44 5.20 0.44
CA LEU A 203 -24.10 4.37 -0.57
C LEU A 203 -25.55 4.79 -0.88
N LEU A 204 -25.99 5.98 -0.50
CA LEU A 204 -27.35 6.44 -0.75
C LEU A 204 -27.59 6.85 -2.22
N GLU B 9 -19.06 18.83 35.75
CA GLU B 9 -18.55 19.78 34.76
C GLU B 9 -17.86 19.06 33.62
N LEU B 10 -17.89 17.73 33.66
CA LEU B 10 -17.26 16.93 32.63
C LEU B 10 -17.90 17.17 31.26
N GLY B 11 -19.23 17.26 31.26
CA GLY B 11 -19.96 17.50 30.02
C GLY B 11 -19.58 18.85 29.45
N GLN B 12 -19.46 19.84 30.33
CA GLN B 12 -19.09 21.19 29.92
C GLN B 12 -17.69 21.18 29.33
N SER B 13 -16.80 20.42 29.94
CA SER B 13 -15.43 20.30 29.46
C SER B 13 -15.43 19.69 28.08
N LEU B 14 -16.28 18.69 27.89
CA LEU B 14 -16.39 18.01 26.59
C LEU B 14 -16.86 18.99 25.54
N ALA B 15 -17.84 19.82 25.90
CA ALA B 15 -18.36 20.82 24.96
C ALA B 15 -17.27 21.80 24.57
N GLN B 16 -16.45 22.19 25.55
CA GLN B 16 -15.37 23.13 25.33
C GLN B 16 -14.38 22.56 24.33
N GLU B 17 -14.10 21.26 24.43
CA GLU B 17 -13.16 20.63 23.52
C GLU B 17 -13.71 20.69 22.10
N VAL B 18 -15.01 20.47 21.96
CA VAL B 18 -15.65 20.52 20.66
C VAL B 18 -15.54 21.92 20.07
N LYS B 19 -15.75 22.92 20.93
CA LYS B 19 -15.66 24.30 20.49
C LYS B 19 -14.24 24.61 20.01
N ALA B 20 -13.26 24.09 20.75
CA ALA B 20 -11.87 24.31 20.39
C ALA B 20 -11.59 23.68 19.04
N ALA B 21 -12.13 22.49 18.82
CA ALA B 21 -11.94 21.80 17.56
C ALA B 21 -12.54 22.59 16.41
N THR B 22 -13.73 23.16 16.63
CA THR B 22 -14.37 23.95 15.59
C THR B 22 -13.52 25.18 15.27
N GLU B 23 -12.97 25.79 16.32
CA GLU B 23 -12.13 26.97 16.14
C GLU B 23 -10.89 26.60 15.33
N ARG B 24 -10.33 25.43 15.62
CA ARG B 24 -9.14 24.96 14.91
C ARG B 24 -9.48 24.75 13.45
N LEU B 25 -10.65 24.20 13.18
CA LEU B 25 -11.08 23.96 11.82
C LEU B 25 -11.22 25.29 11.08
N SER B 26 -11.79 26.29 11.75
CA SER B 26 -11.94 27.61 11.14
C SER B 26 -10.57 28.21 10.85
N LEU B 27 -9.66 28.01 11.80
CA LEU B 27 -8.31 28.49 11.73
C LEU B 27 -7.64 27.68 10.64
N GLY B 28 -7.99 26.41 10.61
CA GLY B 28 -7.42 25.46 9.67
C GLY B 28 -6.19 24.94 10.39
N SER B 29 -5.45 24.02 9.78
CA SER B 29 -4.27 23.48 10.43
C SER B 29 -2.99 23.70 9.63
N ARG B 30 -1.99 24.26 10.29
CA ARG B 30 -0.71 24.53 9.66
C ARG B 30 -0.02 23.24 9.23
N ASP B 31 -0.12 22.23 10.07
CA ASP B 31 0.53 20.95 9.81
C ASP B 31 -0.46 19.78 9.74
N VAL B 32 -0.28 18.93 8.73
CA VAL B 32 -1.17 17.79 8.58
C VAL B 32 -1.05 16.95 9.82
N ALA B 33 0.17 16.72 10.28
CA ALA B 33 0.30 15.95 11.51
C ALA B 33 -0.62 16.48 12.60
N GLU B 34 -0.66 17.80 12.79
CA GLU B 34 -1.58 18.37 13.76
C GLU B 34 -3.02 18.02 13.40
N ARG B 35 -3.35 18.02 12.11
CA ARG B 35 -4.71 17.71 11.70
C ARG B 35 -5.06 16.26 12.02
N LEU B 36 -4.15 15.32 11.72
CA LEU B 36 -4.42 13.93 12.04
C LEU B 36 -4.54 13.73 13.56
N ARG B 37 -3.66 14.38 14.34
CA ARG B 37 -3.84 14.33 15.79
C ARG B 37 -5.23 14.81 16.19
N LEU B 38 -5.69 15.89 15.57
CA LEU B 38 -7.03 16.40 15.86
C LEU B 38 -8.10 15.37 15.50
N SER B 39 -7.95 14.70 14.35
CA SER B 39 -8.91 13.69 13.95
C SER B 39 -8.94 12.51 14.91
N LYS B 40 -7.75 12.08 15.37
CA LYS B 40 -7.69 11.00 16.36
C LYS B 40 -8.37 11.41 17.66
N ASP B 41 -8.14 12.64 18.12
CA ASP B 41 -8.87 13.13 19.29
C ASP B 41 -10.36 13.15 19.03
N ILE B 42 -10.77 13.42 17.79
CA ILE B 42 -12.19 13.34 17.45
C ILE B 42 -12.70 11.92 17.65
N GLY B 43 -11.96 10.94 17.12
CA GLY B 43 -12.38 9.55 17.28
C GLY B 43 -12.48 9.16 18.74
N ARG B 44 -11.49 9.57 19.54
CA ARG B 44 -11.53 9.27 20.98
C ARG B 44 -12.71 9.93 21.65
N LEU B 45 -13.02 11.19 21.28
CA LEU B 45 -14.14 11.88 21.90
C LEU B 45 -15.46 11.20 21.54
N ILE B 46 -15.61 10.81 20.28
CA ILE B 46 -16.80 10.05 19.87
C ILE B 46 -16.89 8.76 20.68
N GLU B 47 -15.74 8.11 20.90
CA GLU B 47 -15.68 6.91 21.71
C GLU B 47 -16.20 7.18 23.12
N ALA B 48 -15.81 8.32 23.70
CA ALA B 48 -16.30 8.68 25.03
C ALA B 48 -17.80 8.95 25.02
N VAL B 49 -18.30 9.63 23.98
CA VAL B 49 -19.72 9.97 23.91
C VAL B 49 -20.57 8.70 23.79
N GLU B 50 -20.09 7.70 23.05
CA GLU B 50 -20.84 6.45 22.93
C GLU B 50 -21.12 5.83 24.29
N THR B 51 -20.12 5.78 25.17
CA THR B 51 -20.25 5.22 26.50
C THR B 51 -20.34 6.38 27.50
N SER B 52 -21.53 6.94 27.63
CA SER B 52 -21.74 8.05 28.57
C SER B 52 -23.21 8.09 28.98
N VAL B 53 -23.47 8.79 30.08
CA VAL B 53 -24.80 8.97 30.62
C VAL B 53 -25.21 10.43 30.42
N MET B 54 -26.32 10.62 29.72
CA MET B 54 -26.86 11.93 29.37
C MET B 54 -28.18 11.73 28.65
N PRO B 55 -28.98 12.78 28.46
CA PRO B 55 -30.21 12.61 27.69
C PRO B 55 -29.93 12.20 26.25
N GLN B 56 -30.82 11.36 25.71
CA GLN B 56 -30.56 10.76 24.41
C GLN B 56 -30.51 11.80 23.31
N TRP B 57 -31.47 12.74 23.32
CA TRP B 57 -31.50 13.80 22.32
C TRP B 57 -30.17 14.57 22.28
N GLN B 58 -29.67 14.96 23.45
CA GLN B 58 -28.45 15.75 23.48
C GLN B 58 -27.26 14.91 23.05
N ARG B 59 -27.23 13.65 23.50
CA ARG B 59 -26.15 12.75 23.10
C ARG B 59 -26.08 12.63 21.59
N ARG B 60 -27.22 12.47 20.93
CA ARG B 60 -27.21 12.22 19.51
C ARG B 60 -27.05 13.51 18.69
N GLU B 61 -27.56 14.64 19.18
CA GLU B 61 -27.29 15.90 18.50
C GLU B 61 -25.81 16.25 18.55
N LEU B 62 -25.22 16.13 19.74
CA LEU B 62 -23.78 16.34 19.85
C LEU B 62 -23.01 15.35 18.98
N LEU B 63 -23.48 14.10 18.93
CA LEU B 63 -22.86 13.13 18.04
C LEU B 63 -22.93 13.59 16.59
N ALA B 64 -24.05 14.21 16.20
CA ALA B 64 -24.16 14.78 14.86
C ALA B 64 -23.09 15.84 14.64
N THR B 65 -22.98 16.79 15.57
CA THR B 65 -22.02 17.87 15.42
C THR B 65 -20.59 17.33 15.28
N VAL B 66 -20.21 16.39 16.15
CA VAL B 66 -18.84 15.89 16.13
C VAL B 66 -18.58 15.04 14.90
N LYS B 67 -19.58 14.33 14.40
CA LYS B 67 -19.40 13.59 13.16
C LYS B 67 -19.16 14.55 12.00
N MET B 68 -19.91 15.65 11.97
CA MET B 68 -19.60 16.73 11.02
C MET B 68 -18.15 17.17 11.16
N LEU B 69 -17.70 17.41 12.40
CA LEU B 69 -16.33 17.84 12.62
C LEU B 69 -15.34 16.83 12.06
N GLN B 70 -15.63 15.53 12.20
CA GLN B 70 -14.71 14.52 11.69
C GLN B 70 -14.69 14.52 10.17
N ARG B 71 -15.86 14.72 9.53
CA ARG B 71 -15.88 14.78 8.07
C ARG B 71 -15.08 15.97 7.56
N ARG B 72 -15.22 17.14 8.20
CA ARG B 72 -14.42 18.27 7.73
C ARG B 72 -12.95 18.10 8.08
N ALA B 73 -12.64 17.38 9.16
CA ALA B 73 -11.23 17.09 9.46
C ALA B 73 -10.62 16.25 8.35
N ASN B 74 -11.27 15.14 8.00
CA ASN B 74 -10.72 14.25 6.99
C ASN B 74 -10.70 14.95 5.63
N THR B 75 -11.74 15.71 5.32
CA THR B 75 -11.76 16.47 4.08
C THR B 75 -10.61 17.46 4.03
N ALA B 76 -10.33 18.14 5.15
CA ALA B 76 -9.26 19.13 5.18
C ALA B 76 -7.91 18.46 4.97
N ILE B 77 -7.66 17.35 5.68
CA ILE B 77 -6.36 16.69 5.54
C ILE B 77 -6.19 16.18 4.12
N ARG B 78 -7.27 15.68 3.51
CA ARG B 78 -7.17 15.17 2.15
C ARG B 78 -6.90 16.28 1.16
N LYS B 79 -7.53 17.45 1.34
CA LYS B 79 -7.24 18.58 0.47
C LYS B 79 -5.79 19.02 0.62
N LEU B 80 -5.28 19.08 1.85
CA LEU B 80 -3.90 19.51 2.04
C LEU B 80 -2.92 18.51 1.45
N GLN B 81 -3.20 17.22 1.61
CA GLN B 81 -2.35 16.21 0.98
C GLN B 81 -2.39 16.33 -0.54
N MET B 82 -3.58 16.60 -1.10
CA MET B 82 -3.67 16.82 -2.54
C MET B 82 -2.87 18.03 -2.96
N GLY B 83 -2.79 19.06 -2.10
CA GLY B 83 -2.04 20.25 -2.45
C GLY B 83 -0.54 20.01 -2.46
N GLN B 84 -0.02 19.41 -1.39
CA GLN B 84 1.42 19.13 -1.35
C GLN B 84 1.81 18.13 -2.44
N ALA B 85 0.97 17.11 -2.64
CA ALA B 85 1.23 16.13 -3.70
C ALA B 85 1.22 16.78 -5.07
N ALA B 86 0.33 17.74 -5.29
CA ALA B 86 0.30 18.45 -6.56
C ALA B 86 1.55 19.32 -6.73
N LYS B 87 1.96 20.03 -5.68
CA LYS B 87 3.17 20.83 -5.75
C LYS B 87 4.37 19.98 -6.12
N LYS B 88 4.53 18.83 -5.47
CA LYS B 88 5.65 17.95 -5.79
C LYS B 88 5.52 17.40 -7.20
N THR B 89 4.29 17.11 -7.63
CA THR B 89 4.07 16.65 -9.00
C THR B 89 4.58 17.69 -9.99
N GLN B 90 4.31 18.97 -9.73
CA GLN B 90 4.86 20.03 -10.57
C GLN B 90 6.38 20.07 -10.48
N GLU B 91 6.93 19.81 -9.28
CA GLU B 91 8.36 19.80 -9.10
C GLU B 91 9.03 18.76 -9.99
N LEU B 92 8.39 17.60 -10.17
CA LEU B 92 8.94 16.61 -11.08
C LEU B 92 8.62 16.94 -12.53
N LEU B 93 7.49 17.62 -12.79
CA LEU B 93 7.16 17.97 -14.16
C LEU B 93 8.14 18.99 -14.75
N GLU B 94 8.69 19.86 -13.90
CA GLU B 94 9.57 20.92 -14.42
C GLU B 94 10.84 20.36 -15.04
N ARG B 95 11.31 19.21 -14.58
CA ARG B 95 12.63 18.71 -14.94
C ARG B 95 12.60 17.42 -15.73
N HIS B 96 11.44 16.85 -15.98
CA HIS B 96 11.33 15.67 -16.82
C HIS B 96 10.61 16.01 -18.12
N SER B 97 11.04 15.35 -19.20
CA SER B 97 10.32 15.39 -20.45
C SER B 97 9.23 14.33 -20.43
N LYS B 98 8.19 14.54 -21.25
CA LYS B 98 7.05 13.63 -21.28
C LYS B 98 7.43 12.37 -22.07
N GLY B 99 8.39 11.63 -21.50
CA GLY B 99 8.82 10.37 -22.07
C GLY B 99 7.88 9.24 -21.74
N PRO B 100 8.25 8.02 -22.20
CA PRO B 100 7.41 6.85 -21.89
C PRO B 100 7.43 6.45 -20.43
N LEU B 101 8.54 6.66 -19.74
CA LEU B 101 8.70 6.19 -18.37
C LEU B 101 9.48 7.20 -17.55
N ILE B 102 9.01 7.45 -16.34
CA ILE B 102 9.66 8.38 -15.42
C ILE B 102 9.91 7.64 -14.11
N VAL B 103 11.17 7.34 -13.84
CA VAL B 103 11.58 6.61 -12.63
C VAL B 103 12.60 7.48 -11.91
N ASP B 104 12.26 7.90 -10.70
CA ASP B 104 13.11 8.79 -9.92
C ASP B 104 12.63 8.74 -8.48
N THR B 105 13.32 9.48 -7.62
CA THR B 105 12.95 9.56 -6.22
C THR B 105 12.47 10.97 -5.89
N VAL B 106 11.55 11.05 -4.93
CA VAL B 106 11.01 12.32 -4.46
C VAL B 106 10.81 12.24 -2.95
N SER B 107 11.07 13.34 -2.26
CA SER B 107 10.92 13.39 -0.81
C SER B 107 9.44 13.53 -0.45
N ALA B 108 8.94 12.61 0.37
CA ALA B 108 7.55 12.62 0.80
C ALA B 108 7.48 12.32 2.29
N GLU B 109 6.47 12.86 2.95
CA GLU B 109 6.28 12.66 4.38
C GLU B 109 5.45 11.42 4.71
N SER B 110 4.63 10.95 3.77
CA SER B 110 3.77 9.80 4.00
C SER B 110 3.50 9.12 2.67
N LEU B 111 3.15 7.84 2.75
CA LEU B 111 2.91 7.06 1.54
C LEU B 111 1.71 7.57 0.77
N SER B 112 0.71 8.10 1.47
CA SER B 112 -0.47 8.64 0.79
C SER B 112 -0.10 9.75 -0.19
N VAL B 113 0.74 10.70 0.25
CA VAL B 113 1.14 11.80 -0.61
C VAL B 113 1.85 11.28 -1.84
N LEU B 114 2.74 10.29 -1.66
CA LEU B 114 3.44 9.70 -2.79
C LEU B 114 2.45 9.06 -3.77
N VAL B 115 1.48 8.31 -3.24
CA VAL B 115 0.46 7.69 -4.09
C VAL B 115 -0.27 8.75 -4.89
N LYS B 116 -0.71 9.83 -4.24
CA LYS B 116 -1.41 10.88 -4.97
C LYS B 116 -0.52 11.52 -6.03
N VAL B 117 0.77 11.65 -5.75
CA VAL B 117 1.69 12.18 -6.76
C VAL B 117 1.71 11.27 -7.98
N VAL B 118 1.81 9.96 -7.74
CA VAL B 118 1.85 9.02 -8.86
C VAL B 118 0.54 9.06 -9.64
N ARG B 119 -0.59 9.14 -8.94
CA ARG B 119 -1.88 9.10 -9.62
C ARG B 119 -2.11 10.38 -10.43
N GLN B 120 -1.75 11.53 -9.87
CA GLN B 120 -1.85 12.77 -10.63
C GLN B 120 -0.92 12.76 -11.82
N LEU B 121 0.32 12.31 -11.60
CA LEU B 121 1.31 12.27 -12.66
C LEU B 121 0.87 11.37 -13.81
N CYS B 122 0.40 10.18 -13.46
CA CYS B 122 -0.10 9.25 -14.47
C CYS B 122 -1.33 9.83 -15.16
N GLU B 123 -2.20 10.49 -14.41
CA GLU B 123 -3.43 11.03 -14.95
C GLU B 123 -3.17 12.15 -15.96
N GLN B 124 -2.12 12.94 -15.72
CA GLN B 124 -1.80 14.05 -16.60
C GLN B 124 -0.86 13.67 -17.73
N ALA B 125 -0.17 12.52 -17.64
CA ALA B 125 0.68 12.00 -18.69
C ALA B 125 0.20 10.59 -19.02
N PRO B 126 -0.85 10.48 -19.86
CA PRO B 126 -1.54 9.19 -20.00
C PRO B 126 -0.70 8.08 -20.59
N SER B 127 0.26 8.39 -21.45
CA SER B 127 1.06 7.37 -22.10
C SER B 127 2.34 7.05 -21.34
N THR B 128 2.42 7.45 -20.07
CA THR B 128 3.63 7.28 -19.27
C THR B 128 3.34 6.45 -18.02
N SER B 129 4.24 5.52 -17.74
CA SER B 129 4.24 4.76 -16.50
C SER B 129 5.19 5.40 -15.50
N VAL B 130 4.85 5.27 -14.22
CA VAL B 130 5.52 6.01 -13.15
C VAL B 130 5.91 5.03 -12.06
N LEU B 131 7.13 5.21 -11.52
CA LEU B 131 7.51 4.61 -10.26
C LEU B 131 8.33 5.63 -9.49
N LEU B 132 8.03 5.80 -8.20
CA LEU B 132 8.70 6.75 -7.35
C LEU B 132 9.05 6.12 -6.01
N LEU B 133 10.19 6.54 -5.45
CA LEU B 133 10.63 6.13 -4.13
C LEU B 133 10.72 7.35 -3.22
N SER B 134 10.46 7.16 -1.94
CA SER B 134 10.52 8.25 -0.99
C SER B 134 11.61 8.04 0.06
N PRO B 135 12.49 9.10 0.22
CA PRO B 135 13.54 8.87 1.23
C PRO B 135 12.93 8.82 2.63
N GLN B 136 13.45 7.96 3.49
CA GLN B 136 12.94 7.86 4.85
C GLN B 136 14.02 7.68 5.91
N PRO B 137 13.65 8.07 7.19
CA PRO B 137 14.71 7.91 8.19
C PRO B 137 15.13 6.46 8.36
N MET B 138 16.42 6.27 8.64
CA MET B 138 17.01 4.95 8.83
C MET B 138 17.39 4.34 7.48
N GLY B 139 17.17 5.12 6.43
CA GLY B 139 17.48 4.69 5.08
C GLY B 139 16.38 3.86 4.48
N LYS B 140 15.31 3.65 5.24
CA LYS B 140 14.19 2.86 4.74
C LYS B 140 13.45 3.69 3.69
N VAL B 141 12.87 3.02 2.71
CA VAL B 141 12.14 3.74 1.67
C VAL B 141 10.80 3.11 1.29
N LEU B 142 9.92 3.95 0.77
CA LEU B 142 8.59 3.54 0.35
C LEU B 142 8.44 3.76 -1.14
N CYS B 143 7.93 2.76 -1.85
CA CYS B 143 7.77 2.86 -3.30
C CYS B 143 6.32 2.78 -3.78
N ALA B 144 5.96 3.71 -4.65
CA ALA B 144 4.63 3.75 -5.24
C ALA B 144 4.77 3.87 -6.75
N CYS B 145 3.96 3.11 -7.48
CA CYS B 145 4.08 3.10 -8.92
C CYS B 145 2.72 2.81 -9.53
N GLN B 146 2.53 3.29 -10.76
CA GLN B 146 1.32 3.09 -11.53
C GLN B 146 1.71 2.92 -12.99
N VAL B 147 1.02 2.01 -13.67
CA VAL B 147 1.29 1.72 -15.07
C VAL B 147 0.24 2.44 -15.91
N ALA B 148 0.68 3.02 -17.03
CA ALA B 148 -0.23 3.72 -17.92
C ALA B 148 -1.28 2.75 -18.47
N GLN B 149 -2.48 3.27 -18.73
CA GLN B 149 -3.55 2.42 -19.25
C GLN B 149 -3.25 1.98 -20.67
N GLY B 150 -2.66 2.86 -21.48
CA GLY B 150 -2.25 2.48 -22.82
C GLY B 150 -1.16 1.44 -22.85
N ALA B 151 -0.44 1.26 -21.76
CA ALA B 151 0.65 0.29 -21.72
C ALA B 151 0.13 -1.13 -21.91
N MET B 152 1.03 -2.03 -22.27
CA MET B 152 0.67 -3.42 -22.49
C MET B 152 0.06 -4.03 -21.23
N PRO B 153 -0.94 -4.90 -21.37
CA PRO B 153 -1.46 -5.59 -20.18
C PRO B 153 -0.42 -6.48 -19.49
N THR B 154 0.56 -6.99 -20.24
CA THR B 154 1.61 -7.80 -19.64
C THR B 154 2.36 -7.06 -18.54
N PHE B 155 2.47 -5.74 -18.65
CA PHE B 155 3.11 -4.92 -17.62
C PHE B 155 2.13 -4.74 -16.46
N THR B 156 2.47 -5.31 -15.30
CA THR B 156 1.66 -5.21 -14.10
C THR B 156 2.45 -4.52 -13.00
N ALA B 157 1.79 -3.60 -12.30
CA ALA B 157 2.48 -2.84 -11.26
C ALA B 157 2.84 -3.70 -10.06
N GLU B 158 1.98 -4.67 -9.73
CA GLU B 158 2.22 -5.46 -8.52
C GLU B 158 3.51 -6.28 -8.64
N ALA B 159 3.75 -6.88 -9.81
CA ALA B 159 5.02 -7.55 -10.04
C ALA B 159 6.18 -6.57 -10.07
N TRP B 160 5.91 -5.33 -10.51
CA TRP B 160 6.93 -4.30 -10.62
C TRP B 160 7.47 -3.95 -9.23
N ALA B 161 6.62 -3.37 -8.40
CA ALA B 161 7.00 -3.11 -7.02
C ALA B 161 7.38 -4.40 -6.29
N LEU B 162 6.86 -5.54 -6.74
CA LEU B 162 7.21 -6.82 -6.11
C LEU B 162 8.69 -7.11 -6.26
N ALA B 163 9.23 -6.98 -7.48
CA ALA B 163 10.67 -7.13 -7.65
C ALA B 163 11.44 -6.01 -6.96
N VAL B 164 10.93 -4.78 -7.07
CA VAL B 164 11.63 -3.62 -6.50
C VAL B 164 11.85 -3.83 -5.01
N CYS B 165 10.76 -3.92 -4.24
CA CYS B 165 10.87 -4.12 -2.80
C CYS B 165 11.47 -5.49 -2.48
N SER B 166 11.29 -6.46 -3.37
CA SER B 166 11.95 -7.76 -3.21
C SER B 166 13.45 -7.60 -3.11
N HIS B 167 14.02 -6.65 -3.85
CA HIS B 167 15.44 -6.42 -3.75
C HIS B 167 15.82 -5.76 -2.43
N MET B 168 14.96 -4.91 -1.88
CA MET B 168 15.28 -4.20 -0.65
C MET B 168 14.92 -4.98 0.61
N GLY B 169 14.44 -6.21 0.48
CA GLY B 169 14.07 -6.98 1.65
C GLY B 169 12.80 -6.52 2.32
N GLY B 170 11.99 -5.73 1.64
CA GLY B 170 10.77 -5.16 2.18
C GLY B 170 9.54 -5.97 1.82
N LYS B 171 8.46 -5.27 1.51
CA LYS B 171 7.17 -5.88 1.23
C LYS B 171 6.49 -5.09 0.12
N ALA B 172 5.65 -5.76 -0.66
CA ALA B 172 4.98 -5.10 -1.78
C ALA B 172 3.54 -5.56 -1.88
N TRP B 173 2.67 -4.63 -2.28
CA TRP B 173 1.25 -4.93 -2.41
C TRP B 173 0.63 -3.94 -3.39
N GLY B 174 -0.38 -4.40 -4.10
CA GLY B 174 -1.10 -3.54 -5.02
C GLY B 174 -1.87 -4.39 -6.03
N SER B 175 -2.23 -3.76 -7.13
CA SER B 175 -2.91 -4.42 -8.23
C SER B 175 -2.04 -4.34 -9.48
N ARG B 176 -2.57 -4.86 -10.58
CA ARG B 176 -1.83 -4.81 -11.84
C ARG B 176 -1.63 -3.37 -12.32
N VAL B 177 -2.54 -2.48 -11.96
CA VAL B 177 -2.47 -1.08 -12.39
C VAL B 177 -1.64 -0.24 -11.43
N VAL B 178 -1.86 -0.40 -10.13
CA VAL B 178 -1.24 0.44 -9.12
C VAL B 178 -0.62 -0.45 -8.05
N ALA B 179 0.49 0.02 -7.50
CA ALA B 179 1.20 -0.79 -6.50
C ALA B 179 2.02 0.13 -5.61
N GLN B 180 2.33 -0.37 -4.42
CA GLN B 180 3.13 0.36 -3.44
C GLN B 180 3.80 -0.66 -2.53
N GLY B 181 4.92 -0.24 -1.93
CA GLY B 181 5.68 -1.14 -1.09
C GLY B 181 6.68 -0.39 -0.23
N THR B 182 7.40 -1.15 0.59
CA THR B 182 8.40 -0.60 1.49
C THR B 182 9.66 -1.43 1.43
N GLY B 183 10.79 -0.80 1.73
CA GLY B 183 12.07 -1.47 1.73
C GLY B 183 13.08 -0.70 2.55
N SER B 184 14.31 -1.22 2.56
CA SER B 184 15.42 -0.57 3.26
C SER B 184 16.71 -0.89 2.52
N THR B 185 17.34 0.13 1.95
CA THR B 185 18.56 -0.04 1.18
C THR B 185 19.36 1.24 1.26
N THR B 186 20.69 1.10 1.30
CA THR B 186 21.57 2.27 1.37
C THR B 186 21.52 3.10 0.10
N ASP B 187 21.77 2.47 -1.05
CA ASP B 187 21.88 3.17 -2.32
C ASP B 187 20.54 3.10 -3.05
N LEU B 188 19.85 4.23 -3.14
CA LEU B 188 18.55 4.25 -3.81
C LEU B 188 18.69 4.16 -5.32
N GLU B 189 19.77 4.69 -5.91
CA GLU B 189 19.88 4.62 -7.36
C GLU B 189 20.03 3.19 -7.84
N ALA B 190 20.49 2.28 -6.98
CA ALA B 190 20.53 0.88 -7.36
C ALA B 190 19.12 0.32 -7.52
N ALA B 191 18.25 0.59 -6.55
CA ALA B 191 16.87 0.13 -6.65
C ALA B 191 16.15 0.81 -7.81
N LEU B 192 16.41 2.10 -8.03
CA LEU B 192 15.82 2.81 -9.16
C LEU B 192 16.25 2.17 -10.47
N SER B 193 17.54 1.80 -10.56
CA SER B 193 18.06 1.17 -11.77
C SER B 193 17.45 -0.20 -11.99
N ILE B 194 17.23 -0.97 -10.91
CA ILE B 194 16.59 -2.27 -11.04
C ILE B 194 15.15 -2.10 -11.50
N ALA B 195 14.43 -1.13 -10.93
CA ALA B 195 13.04 -0.90 -11.32
C ALA B 195 12.95 -0.55 -12.79
N GLN B 196 13.78 0.40 -13.24
CA GLN B 196 13.73 0.80 -14.64
C GLN B 196 14.15 -0.34 -15.55
N THR B 197 15.11 -1.16 -15.11
CA THR B 197 15.51 -2.34 -15.88
C THR B 197 14.33 -3.29 -16.07
N TYR B 198 13.64 -3.65 -14.97
CA TYR B 198 12.53 -4.58 -15.07
C TYR B 198 11.41 -4.01 -15.94
N ALA B 199 10.99 -2.78 -15.64
CA ALA B 199 9.89 -2.17 -16.39
C ALA B 199 10.21 -2.12 -17.88
N LEU B 200 11.44 -1.72 -18.23
CA LEU B 200 11.82 -1.71 -19.64
C LEU B 200 11.81 -3.10 -20.24
N SER B 201 12.33 -4.09 -19.51
CA SER B 201 12.36 -5.46 -20.01
C SER B 201 10.96 -5.97 -20.33
N GLN B 202 9.95 -5.55 -19.57
CA GLN B 202 8.59 -5.94 -19.93
C GLN B 202 8.06 -5.14 -21.12
N LEU B 203 8.44 -3.88 -21.23
CA LEU B 203 7.87 -2.98 -22.25
C LEU B 203 8.27 -3.31 -23.69
N LEU B 204 8.82 -4.47 -24.01
CA LEU B 204 9.19 -4.81 -25.39
C LEU B 204 7.96 -5.15 -26.24
#